data_4AR2
#
_entry.id   4AR2
#
_cell.length_a   346.040
_cell.length_b   348.550
_cell.length_c   372.870
_cell.angle_alpha   90.00
_cell.angle_beta   90.00
_cell.angle_gamma   90.00
#
_symmetry.space_group_name_H-M   'P 21 21 21'
#
loop_
_entity.id
_entity.type
_entity.pdbx_description
1 polymer 'L2 PROTEIN III (PENTON BASE)'
2 polymer 'FIBER PROTEIN'
3 non-polymer 'CALCIUM ION'
#
loop_
_entity_poly.entity_id
_entity_poly.type
_entity_poly.pdbx_seq_one_letter_code
_entity_poly.pdbx_strand_id
1 'polypeptide(L)'
;MRRRAVLGGAVVYPEGPPPSYESVMQQQAAMIQPPLEAPFVPPRYLAPTEGRNSIRYSELSPLYDTTKLYLVDNKSADIA
SLNYQNDHSNFLTTVVQNNDFTPTEASTQTINFDERSRWGGQLKTIMHTNMPNVNEYMFSNKFKARVMVSRKAPEGVTVN
DTYDHKEDILKYEWFEFILPEGNFSATMTIDLMNNAIIDNYLEIGRQNGVLESDIGVKFDTRNFRLGWDPETKLIMPGVY
TYEAFHPDIVLLPGCGVDFTESRLSNLLGIRKRHPFQEGFKIMYEDLEGGNIPALLDVTAYEESKKDTTTETTTKKELKI
QPLEKDSKSRSYNVLEDKINTAYRSWYLSYNYGNPEKGIRSWTLLTTSDVTCGAEQVYWSLPDMMQDPVTFRSTRQVNNY
PVVGAELMPVFSKSFYNEQAVYSQQLRQATSLTHVFNRFPENQILIRPPAPTITTVSENVPALTDHGTLPLRSSIRGVQR
VTVTDARRRTCPYVYKALGIVAPRVLSSR
;
A
2 'polypeptide(L)' MKRARPSEDTFNPVYPYDTEC P
#
loop_
_chem_comp.id
_chem_comp.type
_chem_comp.name
_chem_comp.formula
CA non-polymer 'CALCIUM ION' 'Ca 2'
#
# COMPACT_ATOMS: atom_id res chain seq x y z
N PRO A 48 9.69 79.24 -4.61
CA PRO A 48 8.91 79.55 -3.39
C PRO A 48 9.05 78.48 -2.29
N THR A 49 9.62 77.35 -2.70
CA THR A 49 9.90 76.13 -1.92
C THR A 49 8.91 75.03 -2.33
N GLU A 50 9.15 74.58 -3.57
CA GLU A 50 8.41 73.52 -4.26
C GLU A 50 9.52 72.52 -4.36
N GLY A 51 9.22 71.24 -4.41
CA GLY A 51 10.39 70.39 -4.45
C GLY A 51 10.61 69.09 -5.22
N ARG A 52 11.88 68.92 -5.58
CA ARG A 52 12.36 67.72 -6.22
C ARG A 52 13.64 67.47 -5.47
N ASN A 53 13.52 67.78 -4.18
CA ASN A 53 14.56 67.60 -3.21
C ASN A 53 14.55 66.12 -3.10
N SER A 54 15.72 65.50 -2.99
CA SER A 54 15.74 64.04 -2.89
C SER A 54 16.97 63.48 -2.24
N ILE A 55 16.84 63.06 -0.99
CA ILE A 55 17.97 62.49 -0.31
C ILE A 55 17.98 61.00 -0.54
N ARG A 56 18.97 60.54 -1.28
CA ARG A 56 19.10 59.13 -1.62
C ARG A 56 20.48 58.65 -1.30
N TYR A 57 20.77 57.41 -1.71
CA TYR A 57 22.08 56.79 -1.52
C TYR A 57 21.96 55.25 -1.50
N SER A 58 22.94 54.59 -2.13
CA SER A 58 22.98 53.13 -2.24
C SER A 58 21.63 52.48 -1.97
N GLU A 59 21.51 51.76 -0.85
CA GLU A 59 20.23 51.10 -0.47
C GLU A 59 19.25 51.24 -1.64
N LEU A 60 19.56 50.54 -2.74
CA LEU A 60 18.79 50.57 -4.00
C LEU A 60 17.27 50.73 -3.87
N SER A 61 16.78 51.74 -4.57
CA SER A 61 15.38 52.08 -4.57
C SER A 61 14.54 50.84 -4.38
N PRO A 62 13.70 50.82 -3.31
CA PRO A 62 12.83 49.65 -3.08
C PRO A 62 12.31 49.41 -4.48
N LEU A 63 12.96 48.51 -5.18
CA LEU A 63 12.64 48.28 -6.58
C LEU A 63 11.42 47.50 -7.05
N TYR A 64 11.04 47.91 -8.25
CA TYR A 64 9.90 47.42 -8.98
C TYR A 64 10.19 46.53 -10.18
N ASP A 65 9.10 46.03 -10.74
CA ASP A 65 9.10 45.20 -11.92
C ASP A 65 9.21 43.68 -11.79
N THR A 66 9.45 43.16 -10.59
CA THR A 66 9.56 41.73 -10.31
C THR A 66 10.82 41.40 -9.58
N THR A 67 10.64 40.58 -8.56
CA THR A 67 11.71 40.12 -7.72
C THR A 67 11.32 38.68 -7.40
N LYS A 68 11.99 38.09 -6.42
CA LYS A 68 11.70 36.73 -6.00
C LYS A 68 11.28 36.78 -4.56
N LEU A 69 10.46 35.83 -4.17
CA LEU A 69 10.03 35.80 -2.81
C LEU A 69 10.49 34.50 -2.28
N TYR A 70 11.37 34.54 -1.30
CA TYR A 70 11.82 33.29 -0.78
C TYR A 70 10.93 32.86 0.34
N LEU A 71 10.38 31.67 0.18
CA LEU A 71 9.48 31.11 1.16
C LEU A 71 10.12 29.88 1.76
N VAL A 72 11.05 30.09 2.68
CA VAL A 72 11.76 29.01 3.37
C VAL A 72 10.91 28.55 4.51
N ASP A 73 11.46 27.71 5.39
CA ASP A 73 10.72 27.22 6.56
C ASP A 73 11.65 26.90 7.72
N ASN A 74 12.87 26.48 7.39
CA ASN A 74 13.82 26.15 8.44
C ASN A 74 14.77 27.31 8.66
N LYS A 75 14.36 28.51 8.25
CA LYS A 75 15.23 29.67 8.46
C LYS A 75 15.34 29.73 9.99
N SER A 76 16.57 29.79 10.49
CA SER A 76 16.88 29.78 11.94
C SER A 76 16.00 30.45 13.03
N ALA A 77 15.39 31.61 12.78
CA ALA A 77 14.58 32.24 13.82
C ALA A 77 13.12 31.78 13.76
N ASP A 78 12.63 31.50 12.54
CA ASP A 78 11.23 31.09 12.26
C ASP A 78 10.90 29.94 13.15
N ILE A 79 11.82 28.99 13.09
CA ILE A 79 11.76 27.81 13.92
C ILE A 79 11.42 28.42 15.31
N ALA A 80 12.39 28.76 16.03
CA ALA A 80 12.05 28.76 17.34
C ALA A 80 10.83 29.62 17.77
N SER A 81 10.62 30.82 17.21
CA SER A 81 9.42 31.61 17.54
C SER A 81 8.11 30.95 17.11
N LEU A 82 8.12 30.30 15.94
CA LEU A 82 6.88 29.69 15.42
C LEU A 82 6.76 28.18 15.23
N ASN A 83 7.79 27.38 15.44
CA ASN A 83 7.47 26.00 15.12
C ASN A 83 7.37 24.90 16.19
N TYR A 84 6.99 25.37 17.39
CA TYR A 84 6.33 24.61 18.43
C TYR A 84 4.98 24.08 17.92
N GLN A 85 4.28 24.89 17.14
CA GLN A 85 2.92 24.54 16.70
C GLN A 85 2.88 23.26 15.84
N ASN A 86 3.80 23.04 14.88
CA ASN A 86 3.74 21.76 14.17
C ASN A 86 4.94 21.49 13.27
N ASP A 87 4.65 20.68 12.26
CA ASP A 87 5.60 20.14 11.30
C ASP A 87 6.11 20.89 10.05
N HIS A 88 6.18 20.12 8.96
CA HIS A 88 6.66 20.61 7.69
C HIS A 88 5.55 20.58 6.69
N SER A 89 4.37 20.11 7.10
CA SER A 89 3.22 20.06 6.20
C SER A 89 2.59 21.45 6.22
N ASN A 90 2.70 22.10 7.36
CA ASN A 90 2.24 23.47 7.48
C ASN A 90 3.12 24.08 8.54
N PHE A 91 3.38 25.36 8.34
CA PHE A 91 4.23 26.14 9.20
C PHE A 91 3.96 27.54 8.77
N LEU A 92 4.95 28.38 9.03
CA LEU A 92 4.84 29.78 8.69
C LEU A 92 6.27 30.24 8.56
N THR A 93 6.46 31.30 7.79
CA THR A 93 7.79 31.82 7.55
C THR A 93 7.80 33.31 7.34
N THR A 94 8.86 33.95 7.78
CA THR A 94 8.96 35.37 7.59
C THR A 94 9.38 35.36 6.15
N VAL A 95 8.77 36.19 5.32
CA VAL A 95 9.18 36.20 3.93
C VAL A 95 10.11 37.39 3.85
N VAL A 96 10.07 38.20 4.90
CA VAL A 96 10.93 39.38 5.03
C VAL A 96 12.29 38.82 5.38
N GLN A 97 13.28 39.05 4.52
CA GLN A 97 14.60 38.52 4.76
C GLN A 97 15.53 39.48 5.50
N ASN A 98 14.94 40.39 6.27
CA ASN A 98 15.71 41.34 7.05
C ASN A 98 15.97 40.70 8.40
N ASN A 99 17.25 40.55 8.72
CA ASN A 99 17.68 39.92 9.95
C ASN A 99 17.59 40.84 11.18
N ASP A 100 17.19 42.08 10.95
CA ASP A 100 17.04 43.03 12.04
C ASP A 100 15.65 42.87 12.60
N PHE A 101 14.99 41.80 12.20
CA PHE A 101 13.62 41.57 12.65
C PHE A 101 13.26 40.19 13.17
N THR A 102 12.62 40.16 14.34
CA THR A 102 12.20 38.90 14.89
C THR A 102 11.04 38.57 14.01
N PRO A 103 10.87 37.29 13.68
CA PRO A 103 9.76 36.91 12.82
C PRO A 103 8.49 37.67 13.19
N THR A 104 8.12 37.60 14.46
CA THR A 104 6.91 38.24 14.95
C THR A 104 6.76 39.70 14.51
N GLU A 105 7.69 40.56 14.89
CA GLU A 105 7.57 41.95 14.49
C GLU A 105 7.52 42.05 12.98
N ALA A 106 8.30 41.22 12.30
CA ALA A 106 8.32 41.28 10.84
C ALA A 106 6.94 40.97 10.30
N SER A 107 6.26 40.07 10.99
CA SER A 107 4.92 39.65 10.59
C SER A 107 4.07 40.86 10.27
N THR A 108 4.09 41.83 11.17
CA THR A 108 3.28 43.02 10.98
C THR A 108 3.57 43.78 9.68
N GLN A 109 4.83 44.15 9.47
CA GLN A 109 5.19 44.89 8.25
C GLN A 109 4.75 44.22 6.95
N THR A 110 4.49 45.04 5.95
CA THR A 110 3.98 44.53 4.71
C THR A 110 4.86 44.60 3.47
N ILE A 111 4.85 43.52 2.71
CA ILE A 111 5.61 43.48 1.48
C ILE A 111 4.57 44.19 0.68
N ASN A 112 4.92 45.23 -0.05
CA ASN A 112 3.85 45.89 -0.77
C ASN A 112 3.96 45.90 -2.27
N PHE A 113 3.22 44.97 -2.88
CA PHE A 113 3.15 44.80 -4.31
C PHE A 113 2.28 45.90 -4.72
N ASP A 114 2.63 46.62 -5.76
CA ASP A 114 1.70 47.65 -5.99
C ASP A 114 0.67 47.50 -7.03
N GLU A 115 0.19 48.66 -7.37
CA GLU A 115 -0.91 48.74 -8.22
C GLU A 115 -1.09 49.70 -9.36
N ARG A 116 -2.36 50.08 -9.46
CA ARG A 116 -2.92 50.89 -10.51
C ARG A 116 -2.58 49.88 -11.56
N SER A 117 -2.56 48.62 -11.06
CA SER A 117 -2.30 47.41 -11.82
C SER A 117 -1.99 46.23 -10.89
N ARG A 118 -2.91 45.27 -10.76
CA ARG A 118 -2.69 44.11 -9.88
C ARG A 118 -1.87 43.10 -10.61
N TRP A 119 -1.42 42.07 -9.90
CA TRP A 119 -0.62 41.04 -10.51
C TRP A 119 -0.68 39.71 -9.81
N GLY A 120 0.22 38.82 -10.21
CA GLY A 120 0.28 37.51 -9.63
C GLY A 120 1.72 37.03 -9.57
N GLY A 121 1.94 35.78 -9.18
CA GLY A 121 3.29 35.26 -9.10
C GLY A 121 3.44 33.87 -9.65
N GLN A 122 4.63 33.58 -10.17
CA GLN A 122 4.91 32.25 -10.71
C GLN A 122 5.48 31.46 -9.56
N LEU A 123 4.71 30.51 -9.05
CA LEU A 123 5.18 29.72 -7.93
C LEU A 123 5.79 28.40 -8.32
N LYS A 124 7.12 28.31 -8.16
CA LYS A 124 7.89 27.12 -8.45
C LYS A 124 8.05 26.60 -7.06
N THR A 125 8.27 25.32 -6.90
CA THR A 125 8.37 24.81 -5.56
C THR A 125 9.06 23.46 -5.44
N ILE A 126 9.87 23.36 -4.41
CA ILE A 126 10.67 22.17 -4.09
C ILE A 126 10.09 21.43 -2.87
N MET A 127 10.09 20.10 -2.87
CA MET A 127 9.60 19.35 -1.72
C MET A 127 10.09 17.92 -1.74
N HIS A 128 10.37 17.40 -0.54
CA HIS A 128 10.88 16.05 -0.38
C HIS A 128 10.01 15.37 0.68
N THR A 129 9.93 14.05 0.67
CA THR A 129 9.16 13.33 1.69
C THR A 129 9.80 12.00 1.96
N ASN A 130 9.49 11.46 3.13
CA ASN A 130 10.00 10.17 3.51
C ASN A 130 8.79 9.40 3.90
N MET A 131 8.22 8.72 2.92
CA MET A 131 7.03 7.93 3.13
C MET A 131 7.31 6.46 3.11
N PRO A 132 7.01 5.80 4.21
CA PRO A 132 7.22 4.37 4.29
C PRO A 132 6.06 3.75 3.58
N ASN A 133 6.41 2.94 2.60
CA ASN A 133 5.43 2.26 1.81
C ASN A 133 4.26 1.72 2.64
N VAL A 134 4.52 1.16 3.81
CA VAL A 134 3.41 0.63 4.61
C VAL A 134 3.05 1.45 5.85
N ASN A 135 2.87 2.75 5.65
CA ASN A 135 2.50 3.62 6.75
C ASN A 135 1.04 3.38 7.06
N GLU A 136 0.59 3.77 8.25
CA GLU A 136 -0.81 3.57 8.62
C GLU A 136 -1.69 4.71 8.15
N TYR A 137 -1.13 5.91 8.19
CA TYR A 137 -1.83 7.10 7.76
C TYR A 137 -2.30 7.03 6.29
N MET A 138 -1.68 6.17 5.47
CA MET A 138 -2.08 6.00 4.07
C MET A 138 -2.85 4.69 3.93
N PHE A 139 -3.13 4.06 5.07
CA PHE A 139 -3.88 2.82 5.09
C PHE A 139 -3.17 1.70 4.33
N SER A 140 -1.85 1.64 4.46
CA SER A 140 -1.05 0.60 3.81
C SER A 140 -0.57 -0.14 5.03
N ASN A 141 -1.52 -0.27 5.94
CA ASN A 141 -1.25 -0.85 7.23
C ASN A 141 -2.29 -1.85 7.72
N LYS A 142 -3.55 -1.45 7.60
CA LYS A 142 -4.67 -2.27 8.02
C LYS A 142 -5.17 -3.15 6.90
N PHE A 143 -6.31 -3.80 7.17
CA PHE A 143 -7.02 -4.67 6.23
C PHE A 143 -7.85 -5.69 6.98
N LYS A 144 -8.99 -6.01 6.39
CA LYS A 144 -9.90 -6.94 7.01
C LYS A 144 -9.79 -8.26 6.30
N ALA A 145 -10.35 -9.31 6.91
CA ALA A 145 -10.34 -10.66 6.37
C ALA A 145 -10.88 -11.58 7.47
N ARG A 146 -11.57 -12.66 7.12
CA ARG A 146 -12.05 -13.55 8.18
C ARG A 146 -11.48 -14.94 8.06
N VAL A 147 -11.06 -15.47 9.20
CA VAL A 147 -10.42 -16.77 9.29
C VAL A 147 -11.26 -17.73 10.11
N MET A 148 -10.79 -18.96 10.23
CA MET A 148 -11.48 -19.97 11.00
C MET A 148 -11.06 -19.71 12.41
N VAL A 149 -12.00 -19.80 13.35
CA VAL A 149 -11.69 -19.55 14.75
C VAL A 149 -12.16 -20.67 15.69
N SER A 150 -12.96 -21.61 15.18
CA SER A 150 -13.46 -22.73 15.98
C SER A 150 -13.70 -24.03 15.19
N ARG A 151 -13.48 -25.16 15.86
CA ARG A 151 -13.66 -26.47 15.26
C ARG A 151 -13.94 -27.54 16.34
N LYS A 152 -15.01 -28.30 16.16
CA LYS A 152 -15.40 -29.38 17.10
C LYS A 152 -16.34 -30.36 16.38
N ALA A 153 -17.48 -30.57 17.03
CA ALA A 153 -18.58 -31.42 16.60
C ALA A 153 -19.53 -31.27 17.80
N PRO A 154 -20.82 -31.58 17.63
CA PRO A 154 -21.72 -31.41 18.78
C PRO A 154 -21.70 -32.43 19.95
N GLU A 155 -20.73 -32.27 20.84
CA GLU A 155 -20.56 -33.03 22.11
C GLU A 155 -20.19 -34.55 22.37
N GLY A 156 -19.88 -35.38 21.35
CA GLY A 156 -19.49 -36.82 21.60
C GLY A 156 -18.25 -37.12 20.74
N VAL A 157 -17.06 -37.07 21.34
CA VAL A 157 -15.75 -37.21 20.65
C VAL A 157 -15.21 -38.17 19.54
N THR A 158 -15.25 -39.51 19.64
CA THR A 158 -14.57 -40.29 18.57
C THR A 158 -15.05 -41.66 17.99
N VAL A 159 -14.17 -42.15 17.09
CA VAL A 159 -14.21 -43.41 16.31
C VAL A 159 -15.01 -43.63 14.99
N ASN A 160 -16.33 -43.70 15.02
CA ASN A 160 -17.09 -43.89 13.76
C ASN A 160 -16.96 -42.64 12.90
N ASP A 161 -16.90 -41.50 13.59
CA ASP A 161 -16.72 -40.20 12.96
C ASP A 161 -15.39 -39.67 13.49
N THR A 162 -14.44 -40.55 13.81
CA THR A 162 -13.16 -40.09 14.36
C THR A 162 -12.32 -39.25 13.37
N TYR A 163 -12.65 -39.35 12.07
CA TYR A 163 -11.98 -38.59 11.01
C TYR A 163 -13.03 -37.61 10.48
N ASP A 164 -14.28 -38.02 10.69
CA ASP A 164 -15.47 -37.29 10.26
C ASP A 164 -16.10 -36.32 11.30
N HIS A 165 -15.81 -36.51 12.59
CA HIS A 165 -16.34 -35.63 13.66
C HIS A 165 -15.62 -34.31 13.51
N LYS A 166 -14.34 -34.41 13.17
CA LYS A 166 -13.50 -33.25 12.98
C LYS A 166 -14.04 -32.35 11.88
N GLU A 167 -14.77 -32.96 10.94
CA GLU A 167 -15.35 -32.22 9.82
C GLU A 167 -16.80 -31.80 10.00
N ASP A 168 -17.22 -31.57 11.24
CA ASP A 168 -18.62 -31.18 11.44
C ASP A 168 -19.05 -29.82 12.01
N ILE A 169 -18.15 -29.08 12.65
CA ILE A 169 -18.54 -27.72 13.07
C ILE A 169 -17.37 -26.77 12.93
N LEU A 170 -17.65 -25.69 12.21
CA LEU A 170 -16.68 -24.67 11.87
C LEU A 170 -17.20 -23.27 12.28
N LYS A 171 -16.29 -22.36 12.61
CA LYS A 171 -16.70 -21.00 13.00
C LYS A 171 -15.80 -19.89 12.41
N TYR A 172 -16.45 -18.84 11.92
CA TYR A 172 -15.76 -17.72 11.29
C TYR A 172 -16.05 -16.34 11.89
N GLU A 173 -15.05 -15.46 11.86
CA GLU A 173 -15.20 -14.11 12.40
C GLU A 173 -14.30 -13.11 11.68
N TRP A 174 -14.82 -11.89 11.51
CA TRP A 174 -14.10 -10.81 10.83
C TRP A 174 -13.01 -10.18 11.71
N PHE A 175 -11.86 -9.93 11.10
CA PHE A 175 -10.74 -9.33 11.82
C PHE A 175 -10.00 -8.21 11.10
N GLU A 176 -9.63 -7.18 11.85
CA GLU A 176 -8.86 -6.09 11.29
C GLU A 176 -7.48 -6.27 11.88
N PHE A 177 -6.58 -6.85 11.11
CA PHE A 177 -5.25 -7.02 11.63
C PHE A 177 -4.30 -6.10 10.90
N ILE A 178 -3.33 -5.64 11.68
CA ILE A 178 -2.33 -4.67 11.24
C ILE A 178 -0.86 -5.06 11.06
N LEU A 179 -0.18 -4.18 10.34
CA LEU A 179 1.22 -4.39 10.04
C LEU A 179 2.19 -3.42 10.70
N PRO A 180 3.43 -3.84 10.77
CA PRO A 180 4.43 -2.96 11.37
C PRO A 180 4.86 -2.00 10.27
N GLU A 181 4.65 -0.71 10.50
CA GLU A 181 4.99 0.30 9.52
C GLU A 181 6.43 0.16 9.02
N GLY A 182 6.68 0.60 7.79
CA GLY A 182 8.00 0.53 7.20
C GLY A 182 7.79 0.56 5.70
N ASN A 183 8.80 0.24 4.90
CA ASN A 183 8.59 0.23 3.45
C ASN A 183 9.27 -1.01 2.95
N PHE A 184 8.45 -1.96 2.52
CA PHE A 184 8.96 -3.25 2.11
C PHE A 184 8.81 -3.70 0.67
N SER A 185 9.72 -4.61 0.29
CA SER A 185 9.74 -5.14 -1.06
C SER A 185 8.36 -5.67 -1.42
N ALA A 186 8.12 -5.77 -2.73
CA ALA A 186 6.87 -6.27 -3.25
C ALA A 186 6.34 -7.31 -2.28
N THR A 187 7.01 -8.46 -2.25
CA THR A 187 6.63 -9.56 -1.38
C THR A 187 6.64 -9.24 0.11
N MET A 188 7.81 -8.99 0.68
CA MET A 188 7.93 -8.68 2.12
C MET A 188 6.58 -8.29 2.72
N THR A 189 5.94 -7.31 2.10
CA THR A 189 4.63 -6.86 2.53
C THR A 189 3.71 -8.06 2.68
N ILE A 190 3.55 -8.81 1.59
CA ILE A 190 2.71 -9.99 1.56
C ILE A 190 2.92 -10.87 2.79
N ASP A 191 4.08 -11.51 2.85
CA ASP A 191 4.41 -12.37 3.96
C ASP A 191 4.13 -11.71 5.31
N LEU A 192 4.26 -10.38 5.37
CA LEU A 192 4.01 -9.66 6.63
C LEU A 192 2.56 -9.85 7.03
N MET A 193 1.67 -9.89 6.04
CA MET A 193 0.26 -10.11 6.31
C MET A 193 0.14 -11.62 6.43
N ASN A 194 0.78 -12.30 5.49
CA ASN A 194 0.73 -13.75 5.48
C ASN A 194 1.43 -14.32 6.69
N ASN A 195 1.74 -13.42 7.61
CA ASN A 195 2.35 -13.75 8.87
C ASN A 195 1.24 -13.31 9.77
N ALA A 196 1.00 -12.01 9.83
CA ALA A 196 -0.05 -11.47 10.70
C ALA A 196 -1.46 -12.06 10.49
N ILE A 197 -1.62 -12.91 9.49
CA ILE A 197 -2.91 -13.57 9.26
C ILE A 197 -2.77 -14.83 10.09
N ILE A 198 -1.56 -15.37 10.11
CA ILE A 198 -1.25 -16.55 10.92
C ILE A 198 -1.13 -16.03 12.35
N ASP A 199 -0.47 -14.89 12.49
CA ASP A 199 -0.25 -14.25 13.79
C ASP A 199 -1.60 -14.01 14.53
N ASN A 200 -2.68 -14.44 13.90
CA ASN A 200 -4.02 -14.34 14.49
C ASN A 200 -4.39 -15.78 14.75
N TYR A 201 -4.23 -16.63 13.74
CA TYR A 201 -4.54 -18.04 13.92
C TYR A 201 -3.88 -18.57 15.17
N LEU A 202 -2.55 -18.58 15.18
CA LEU A 202 -1.81 -19.07 16.33
C LEU A 202 -2.44 -18.68 17.65
N GLU A 203 -2.99 -17.47 17.69
CA GLU A 203 -3.64 -16.92 18.88
C GLU A 203 -5.00 -17.53 19.22
N ILE A 204 -5.76 -17.85 18.18
CA ILE A 204 -7.10 -18.38 18.35
C ILE A 204 -7.34 -19.77 17.72
N GLY A 205 -6.62 -20.08 16.64
CA GLY A 205 -6.78 -21.36 15.97
C GLY A 205 -6.41 -22.58 16.78
N ARG A 206 -5.15 -22.67 17.21
CA ARG A 206 -4.70 -23.82 18.00
C ARG A 206 -5.64 -24.04 19.17
N GLN A 207 -5.85 -22.99 19.95
CA GLN A 207 -6.69 -23.05 21.14
C GLN A 207 -8.15 -23.46 20.91
N ASN A 208 -8.58 -23.59 19.65
CA ASN A 208 -9.96 -23.98 19.37
C ASN A 208 -10.09 -24.98 18.21
N GLY A 209 -9.27 -26.01 18.27
CA GLY A 209 -9.29 -27.09 17.29
C GLY A 209 -9.10 -26.76 15.81
N VAL A 210 -8.74 -25.53 15.48
CA VAL A 210 -8.56 -25.18 14.08
C VAL A 210 -7.20 -25.69 13.61
N LEU A 211 -7.20 -26.41 12.50
CA LEU A 211 -5.97 -26.95 11.96
C LEU A 211 -5.28 -26.03 10.98
N GLU A 212 -3.97 -26.17 10.92
CA GLU A 212 -3.15 -25.37 10.03
C GLU A 212 -3.68 -25.65 8.65
N SER A 213 -4.13 -26.88 8.50
CA SER A 213 -4.69 -27.32 7.25
C SER A 213 -5.71 -26.31 6.78
N ASP A 214 -6.63 -25.97 7.68
CA ASP A 214 -7.67 -25.01 7.36
C ASP A 214 -7.39 -23.56 7.76
N ILE A 215 -6.28 -23.01 7.28
CA ILE A 215 -5.98 -21.63 7.61
C ILE A 215 -7.06 -20.85 6.90
N GLY A 216 -7.13 -20.99 5.58
CA GLY A 216 -8.17 -20.30 4.82
C GLY A 216 -7.99 -18.93 4.13
N VAL A 217 -6.89 -18.23 4.42
CA VAL A 217 -6.65 -16.94 3.82
C VAL A 217 -5.15 -16.83 3.62
N LYS A 218 -4.69 -16.99 2.39
CA LYS A 218 -3.27 -16.91 2.16
C LYS A 218 -2.94 -16.13 0.90
N PHE A 219 -2.35 -14.96 1.09
CA PHE A 219 -1.97 -14.11 -0.04
C PHE A 219 -0.80 -14.83 -0.61
N ASP A 220 -0.62 -14.75 -1.91
CA ASP A 220 0.49 -15.48 -2.49
C ASP A 220 0.54 -15.29 -3.99
N THR A 221 1.73 -15.24 -4.56
CA THR A 221 1.88 -15.12 -6.00
C THR A 221 2.10 -16.54 -6.48
N ARG A 222 1.49 -16.92 -7.59
CA ARG A 222 1.67 -18.26 -8.14
C ARG A 222 0.52 -18.69 -9.02
N ASN A 223 0.86 -19.49 -10.02
CA ASN A 223 -0.15 -19.93 -10.95
C ASN A 223 -0.56 -21.38 -10.74
N PHE A 224 -1.06 -21.67 -9.55
CA PHE A 224 -1.49 -23.03 -9.28
C PHE A 224 -2.30 -23.36 -10.50
N ARG A 225 -2.00 -24.48 -11.14
CA ARG A 225 -2.70 -24.91 -12.36
C ARG A 225 -1.76 -24.90 -13.54
N LEU A 226 -0.62 -24.27 -13.34
CA LEU A 226 0.38 -24.20 -14.40
C LEU A 226 0.88 -25.60 -14.73
N GLY A 227 1.14 -26.38 -13.68
CA GLY A 227 1.60 -27.74 -13.87
C GLY A 227 0.48 -28.69 -14.23
N TRP A 228 -0.65 -28.11 -14.63
CA TRP A 228 -1.81 -28.90 -14.98
C TRP A 228 -1.57 -29.80 -16.16
N ASP A 229 -2.58 -30.61 -16.42
CA ASP A 229 -2.59 -31.58 -17.50
C ASP A 229 -4.06 -31.80 -17.71
N PRO A 230 -4.49 -32.08 -18.94
CA PRO A 230 -5.90 -32.30 -19.21
C PRO A 230 -6.48 -33.58 -18.64
N GLU A 231 -5.88 -34.69 -19.02
CA GLU A 231 -6.37 -36.00 -18.60
C GLU A 231 -6.40 -36.36 -17.09
N THR A 232 -5.35 -36.07 -16.33
CA THR A 232 -5.38 -36.38 -14.90
C THR A 232 -6.30 -35.36 -14.27
N LYS A 233 -6.25 -34.16 -14.83
CA LYS A 233 -7.02 -33.02 -14.37
C LYS A 233 -6.34 -32.62 -13.06
N LEU A 234 -5.03 -32.90 -13.01
CA LEU A 234 -4.18 -32.57 -11.88
C LEU A 234 -2.80 -32.02 -12.26
N ILE A 235 -1.96 -31.81 -11.26
CA ILE A 235 -0.63 -31.28 -11.50
C ILE A 235 0.44 -32.38 -11.51
N MET A 236 0.79 -32.81 -12.72
CA MET A 236 1.75 -33.88 -12.96
C MET A 236 3.10 -33.89 -12.24
N PRO A 237 3.61 -32.73 -11.82
CA PRO A 237 4.91 -32.78 -11.13
C PRO A 237 4.74 -32.91 -9.63
N GLY A 238 3.50 -33.01 -9.18
CA GLY A 238 3.25 -33.14 -7.76
C GLY A 238 3.67 -31.87 -7.02
N VAL A 239 3.66 -30.75 -7.74
CA VAL A 239 4.04 -29.45 -7.21
C VAL A 239 3.35 -28.26 -7.90
N TYR A 240 2.90 -27.31 -7.11
CA TYR A 240 2.31 -26.12 -7.71
C TYR A 240 3.58 -25.46 -8.05
N THR A 241 4.05 -25.75 -9.26
CA THR A 241 5.32 -25.23 -9.71
C THR A 241 5.64 -23.82 -9.19
N TYR A 242 6.52 -23.86 -8.19
CA TYR A 242 7.02 -22.72 -7.45
C TYR A 242 7.54 -21.54 -8.27
N GLU A 243 6.62 -20.84 -8.92
CA GLU A 243 7.00 -19.69 -9.71
C GLU A 243 6.13 -18.46 -9.49
N ALA A 244 6.83 -17.33 -9.38
CA ALA A 244 6.20 -16.04 -9.17
C ALA A 244 5.53 -15.51 -10.41
N PHE A 245 4.25 -15.19 -10.28
CA PHE A 245 3.49 -14.65 -11.38
C PHE A 245 2.93 -13.28 -11.06
N HIS A 246 2.19 -13.21 -9.96
CA HIS A 246 1.56 -11.98 -9.55
C HIS A 246 0.76 -12.26 -8.28
N PRO A 247 0.79 -11.34 -7.29
CA PRO A 247 0.06 -11.53 -6.03
C PRO A 247 -1.31 -12.11 -6.23
N ASP A 248 -1.74 -12.93 -5.27
CA ASP A 248 -3.02 -13.63 -5.38
C ASP A 248 -3.51 -13.98 -3.98
N ILE A 249 -4.81 -14.14 -3.79
CA ILE A 249 -5.30 -14.51 -2.48
C ILE A 249 -6.07 -15.82 -2.50
N VAL A 250 -5.53 -16.80 -1.81
CA VAL A 250 -6.12 -18.12 -1.74
C VAL A 250 -7.01 -18.23 -0.54
N LEU A 251 -8.20 -18.78 -0.75
CA LEU A 251 -9.17 -18.93 0.32
C LEU A 251 -9.80 -20.32 0.52
N LEU A 252 -10.39 -20.51 1.70
CA LEU A 252 -11.08 -21.74 2.08
C LEU A 252 -12.52 -21.33 2.17
N PRO A 253 -13.44 -22.27 2.39
CA PRO A 253 -14.85 -21.90 2.46
C PRO A 253 -15.27 -21.00 3.63
N GLY A 254 -16.13 -20.05 3.30
CA GLY A 254 -16.64 -19.12 4.30
C GLY A 254 -15.72 -17.94 4.57
N CYS A 255 -14.43 -18.21 4.77
CA CYS A 255 -13.47 -17.16 5.06
C CYS A 255 -13.21 -16.26 3.85
N GLY A 256 -12.89 -15.00 4.11
CA GLY A 256 -12.65 -14.08 3.01
C GLY A 256 -11.68 -12.96 3.33
N VAL A 257 -11.77 -11.88 2.57
CA VAL A 257 -10.88 -10.75 2.77
C VAL A 257 -11.49 -9.45 2.24
N ASP A 258 -11.58 -8.45 3.10
CA ASP A 258 -12.15 -7.15 2.77
C ASP A 258 -11.05 -6.11 2.76
N PHE A 259 -11.01 -5.25 1.75
CA PHE A 259 -9.99 -4.23 1.73
C PHE A 259 -10.52 -2.85 2.03
N THR A 260 -11.78 -2.61 1.70
CA THR A 260 -12.47 -1.35 1.96
C THR A 260 -11.68 -0.30 2.78
N GLU A 261 -11.28 -0.72 3.97
CA GLU A 261 -10.54 0.12 4.92
C GLU A 261 -9.03 0.16 4.66
N SER A 262 -8.62 -0.27 3.47
CA SER A 262 -7.20 -0.33 3.15
C SER A 262 -6.82 -0.21 1.68
N ARG A 263 -5.55 0.06 1.45
CA ARG A 263 -5.02 0.24 0.10
C ARG A 263 -4.17 -0.92 -0.42
N LEU A 264 -3.60 -1.70 0.49
CA LEU A 264 -2.74 -2.82 0.11
C LEU A 264 -3.27 -3.50 -1.16
N SER A 265 -4.55 -3.35 -1.38
CA SER A 265 -5.20 -3.91 -2.54
C SER A 265 -4.40 -3.52 -3.77
N ASN A 266 -4.19 -2.22 -3.87
CA ASN A 266 -3.46 -1.66 -4.98
C ASN A 266 -2.07 -2.25 -5.14
N LEU A 267 -1.56 -2.79 -4.04
CA LEU A 267 -0.23 -3.40 -4.03
C LEU A 267 -0.40 -4.78 -4.58
N LEU A 268 -1.45 -5.45 -4.13
CA LEU A 268 -1.69 -6.78 -4.61
C LEU A 268 -2.15 -6.77 -6.06
N GLY A 269 -1.93 -5.66 -6.74
CA GLY A 269 -2.31 -5.56 -8.15
C GLY A 269 -3.68 -6.12 -8.46
N ILE A 270 -4.58 -5.97 -7.51
CA ILE A 270 -5.93 -6.43 -7.65
C ILE A 270 -6.83 -5.27 -7.32
N ARG A 271 -7.79 -4.96 -8.19
CA ARG A 271 -8.66 -3.84 -7.89
C ARG A 271 -10.03 -3.95 -8.51
N LYS A 272 -11.01 -3.41 -7.79
CA LYS A 272 -12.41 -3.41 -8.19
C LYS A 272 -12.54 -2.84 -9.59
N ARG A 273 -13.52 -3.27 -10.36
CA ARG A 273 -13.63 -2.77 -11.72
C ARG A 273 -14.48 -1.51 -11.85
N HIS A 274 -15.17 -1.15 -10.77
CA HIS A 274 -16.02 0.08 -10.74
C HIS A 274 -15.51 0.84 -9.53
N PRO A 275 -14.21 0.81 -9.28
CA PRO A 275 -13.50 1.44 -8.15
C PRO A 275 -14.13 2.57 -7.36
N PHE A 276 -15.43 2.48 -7.15
CA PHE A 276 -16.12 3.58 -6.50
C PHE A 276 -17.30 3.15 -5.60
N GLN A 277 -17.24 2.00 -4.96
CA GLN A 277 -18.42 1.63 -4.19
C GLN A 277 -18.03 0.87 -2.92
N GLU A 278 -18.47 -0.40 -2.89
CA GLU A 278 -18.20 -1.40 -1.87
C GLU A 278 -19.10 -2.69 -1.79
N GLY A 279 -18.76 -3.60 -2.72
CA GLY A 279 -19.36 -4.90 -2.83
C GLY A 279 -18.05 -5.60 -2.73
N PHE A 280 -17.02 -4.78 -2.50
CA PHE A 280 -15.61 -5.17 -2.41
C PHE A 280 -15.00 -5.86 -1.16
N LYS A 281 -15.17 -7.18 -1.12
CA LYS A 281 -14.62 -8.07 -0.12
C LYS A 281 -14.53 -9.25 -1.04
N ILE A 282 -13.72 -10.23 -0.68
CA ILE A 282 -13.63 -11.38 -1.52
C ILE A 282 -13.84 -12.62 -0.67
N MET A 283 -14.86 -13.36 -1.05
CA MET A 283 -15.25 -14.57 -0.34
C MET A 283 -15.02 -15.85 -1.15
N TYR A 284 -14.90 -16.96 -0.45
CA TYR A 284 -14.68 -18.23 -1.11
C TYR A 284 -15.64 -18.32 -2.28
N GLU A 285 -16.87 -17.89 -2.01
CA GLU A 285 -17.97 -17.92 -2.96
C GLU A 285 -17.79 -17.16 -4.29
N ASP A 286 -16.90 -16.18 -4.32
CA ASP A 286 -16.70 -15.40 -5.54
C ASP A 286 -15.69 -16.05 -6.47
N LEU A 287 -14.61 -16.59 -5.92
CA LEU A 287 -13.62 -17.22 -6.78
C LEU A 287 -14.22 -18.51 -7.29
N GLU A 288 -15.09 -18.43 -8.28
CA GLU A 288 -15.70 -19.66 -8.78
C GLU A 288 -14.66 -20.30 -9.69
N GLY A 289 -14.81 -21.58 -10.00
CA GLY A 289 -13.88 -22.28 -10.86
C GLY A 289 -12.40 -22.18 -10.51
N GLY A 290 -12.05 -21.10 -9.80
CA GLY A 290 -10.66 -20.86 -9.42
C GLY A 290 -10.16 -21.69 -8.26
N ASN A 291 -10.68 -22.91 -8.12
CA ASN A 291 -10.22 -23.77 -7.04
C ASN A 291 -8.91 -24.29 -7.54
N ILE A 292 -7.99 -24.48 -6.61
CA ILE A 292 -6.68 -25.02 -6.96
C ILE A 292 -7.01 -26.38 -7.51
N PRO A 293 -6.20 -26.91 -8.44
CA PRO A 293 -6.52 -28.24 -8.98
C PRO A 293 -6.64 -29.28 -7.87
N ALA A 294 -5.54 -29.54 -7.16
CA ALA A 294 -5.52 -30.50 -6.05
C ALA A 294 -4.15 -31.11 -5.85
N LEU A 295 -3.45 -31.32 -6.96
CA LEU A 295 -2.10 -31.89 -6.97
C LEU A 295 -2.21 -33.38 -7.12
N LEU A 296 -1.25 -33.96 -7.83
CA LEU A 296 -1.22 -35.40 -8.08
C LEU A 296 -0.21 -36.09 -7.20
N ASP A 297 -0.44 -37.36 -6.90
CA ASP A 297 0.52 -38.07 -6.07
C ASP A 297 1.57 -38.66 -6.97
N VAL A 298 2.82 -38.31 -6.72
CA VAL A 298 3.92 -38.80 -7.51
C VAL A 298 4.30 -40.25 -7.14
N THR A 299 4.68 -40.46 -5.90
CA THR A 299 5.06 -41.81 -5.46
C THR A 299 4.03 -42.90 -5.81
N ALA A 300 2.74 -42.61 -5.65
CA ALA A 300 1.69 -43.59 -5.96
C ALA A 300 1.79 -43.97 -7.43
N TYR A 301 2.13 -42.99 -8.25
CA TYR A 301 2.28 -43.21 -9.68
C TYR A 301 3.50 -44.08 -9.92
N GLU A 302 4.58 -43.74 -9.24
CA GLU A 302 5.84 -44.46 -9.37
C GLU A 302 5.81 -45.97 -9.04
N GLU A 303 5.67 -46.28 -7.75
CA GLU A 303 5.65 -47.66 -7.27
C GLU A 303 4.77 -48.47 -8.18
N SER A 304 3.74 -47.84 -8.70
CA SER A 304 2.81 -48.54 -9.54
C SER A 304 3.33 -48.96 -10.94
N LYS A 305 3.71 -50.23 -10.96
CA LYS A 305 4.24 -51.04 -12.07
C LYS A 305 4.05 -52.35 -11.30
N LYS A 306 2.87 -52.93 -11.45
CA LYS A 306 2.52 -54.16 -10.73
C LYS A 306 2.56 -55.51 -11.45
N ASP A 307 2.59 -55.52 -12.79
CA ASP A 307 2.65 -56.75 -13.58
C ASP A 307 3.18 -56.41 -14.98
N LYS A 315 0.87 -52.85 -15.26
CA LYS A 315 -0.41 -52.15 -15.14
C LYS A 315 -0.20 -50.66 -15.44
N LYS A 316 -1.31 -49.93 -15.61
CA LYS A 316 -1.27 -48.48 -15.92
C LYS A 316 -2.13 -47.53 -15.06
N GLU A 317 -3.05 -48.08 -14.26
CA GLU A 317 -3.96 -47.30 -13.38
C GLU A 317 -3.16 -46.31 -12.52
N LEU A 318 -2.22 -46.88 -11.79
CA LEU A 318 -1.27 -46.18 -10.95
C LEU A 318 -1.18 -44.67 -10.78
N LYS A 319 -2.10 -43.99 -10.08
CA LYS A 319 -1.96 -42.51 -9.88
C LYS A 319 -3.22 -41.66 -9.82
N ILE A 320 -4.36 -42.20 -10.26
CA ILE A 320 -5.60 -41.42 -10.20
C ILE A 320 -5.58 -40.80 -8.78
N GLN A 321 -4.82 -41.45 -7.89
CA GLN A 321 -4.66 -41.05 -6.51
C GLN A 321 -4.02 -39.67 -6.44
N PRO A 322 -4.79 -38.64 -6.09
CA PRO A 322 -4.23 -37.29 -6.01
C PRO A 322 -3.77 -37.10 -4.58
N LEU A 323 -2.52 -36.68 -4.40
CA LEU A 323 -1.98 -36.47 -3.06
C LEU A 323 -3.06 -35.93 -2.15
N GLU A 324 -3.31 -36.62 -1.05
CA GLU A 324 -4.36 -36.21 -0.12
C GLU A 324 -3.88 -35.25 0.96
N LYS A 325 -2.74 -35.56 1.57
CA LYS A 325 -2.17 -34.73 2.63
C LYS A 325 -0.67 -34.74 2.47
N ASP A 326 -0.03 -33.65 2.87
CA ASP A 326 1.42 -33.60 2.77
C ASP A 326 2.08 -34.44 3.84
N SER A 327 3.37 -34.70 3.66
CA SER A 327 4.17 -35.51 4.59
C SER A 327 3.92 -35.25 6.07
N LYS A 328 3.99 -34.01 6.52
CA LYS A 328 3.76 -33.73 7.93
C LYS A 328 2.30 -33.99 8.30
N SER A 329 1.62 -34.69 7.40
CA SER A 329 0.21 -35.10 7.51
C SER A 329 -0.86 -33.99 7.55
N ARG A 330 -0.48 -32.79 7.15
CA ARG A 330 -1.38 -31.64 7.11
C ARG A 330 -2.26 -31.91 5.90
N SER A 331 -3.57 -31.80 6.07
CA SER A 331 -4.52 -32.08 4.98
C SER A 331 -4.57 -31.05 3.83
N TYR A 332 -4.95 -31.53 2.65
CA TYR A 332 -5.09 -30.66 1.48
C TYR A 332 -6.56 -30.47 1.18
N ASN A 333 -7.40 -30.84 2.15
CA ASN A 333 -8.85 -30.71 2.03
C ASN A 333 -9.31 -31.03 0.61
N VAL A 334 -8.64 -32.00 -0.01
CA VAL A 334 -8.96 -32.36 -1.39
C VAL A 334 -10.39 -32.23 -1.89
N LEU A 335 -11.35 -32.88 -1.21
CA LEU A 335 -12.78 -32.90 -1.59
C LEU A 335 -13.06 -34.27 -2.16
N GLU A 336 -14.24 -34.41 -2.77
CA GLU A 336 -14.62 -35.66 -3.39
C GLU A 336 -13.97 -35.56 -4.74
N ASP A 337 -14.51 -36.27 -5.73
CA ASP A 337 -13.98 -36.29 -7.11
C ASP A 337 -12.45 -36.43 -7.26
N LYS A 338 -11.71 -35.98 -6.25
CA LYS A 338 -10.25 -36.06 -6.23
C LYS A 338 -9.51 -35.44 -7.42
N ILE A 339 -9.87 -34.21 -7.77
CA ILE A 339 -9.21 -33.48 -8.85
C ILE A 339 -9.29 -32.00 -8.55
N ASN A 340 -9.95 -31.65 -7.46
CA ASN A 340 -10.10 -30.25 -7.07
C ASN A 340 -10.00 -30.03 -5.56
N THR A 341 -8.92 -29.41 -5.10
CA THR A 341 -8.83 -29.13 -3.67
C THR A 341 -9.66 -27.90 -3.44
N ALA A 342 -10.41 -27.88 -2.34
CA ALA A 342 -11.26 -26.75 -2.05
C ALA A 342 -10.46 -25.54 -1.59
N TYR A 343 -9.41 -25.23 -2.33
CA TYR A 343 -8.59 -24.08 -2.04
C TYR A 343 -8.84 -23.21 -3.24
N ARG A 344 -9.53 -22.10 -3.01
CA ARG A 344 -9.83 -21.19 -4.11
C ARG A 344 -8.92 -19.97 -4.14
N SER A 345 -8.36 -19.76 -5.32
CA SER A 345 -7.42 -18.68 -5.55
C SER A 345 -7.76 -17.67 -6.63
N TRP A 346 -7.72 -16.41 -6.22
CA TRP A 346 -8.00 -15.30 -7.08
C TRP A 346 -7.61 -15.53 -8.53
N TYR A 347 -6.29 -15.52 -8.75
CA TYR A 347 -5.73 -15.66 -10.06
C TYR A 347 -6.52 -16.55 -10.97
N LEU A 348 -6.47 -17.84 -10.68
CA LEU A 348 -7.15 -18.85 -11.47
C LEU A 348 -8.56 -18.45 -11.86
N SER A 349 -9.41 -18.24 -10.87
CA SER A 349 -10.79 -17.88 -11.15
C SER A 349 -10.84 -16.79 -12.22
N TYR A 350 -10.16 -15.69 -11.93
CA TYR A 350 -10.12 -14.57 -12.85
C TYR A 350 -9.62 -14.97 -14.21
N ASN A 351 -8.33 -15.31 -14.23
CA ASN A 351 -7.65 -15.66 -15.45
C ASN A 351 -8.02 -16.95 -16.18
N TYR A 352 -8.11 -18.05 -15.44
CA TYR A 352 -8.37 -19.33 -16.05
C TYR A 352 -9.81 -19.83 -16.17
N GLY A 353 -10.65 -19.50 -15.20
CA GLY A 353 -11.95 -20.11 -15.28
C GLY A 353 -13.22 -19.44 -15.73
N ASN A 354 -13.58 -18.33 -15.09
CA ASN A 354 -14.89 -17.65 -15.30
C ASN A 354 -15.27 -16.53 -16.26
N PRO A 355 -15.55 -16.89 -17.50
CA PRO A 355 -15.93 -15.91 -18.51
C PRO A 355 -16.27 -14.51 -18.01
N GLU A 356 -17.55 -14.32 -17.70
CA GLU A 356 -18.10 -13.03 -17.29
C GLU A 356 -19.04 -13.17 -16.12
N LYS A 357 -18.77 -14.12 -15.25
CA LYS A 357 -19.67 -14.35 -14.12
C LYS A 357 -18.88 -14.68 -12.85
N GLY A 358 -17.56 -14.67 -12.96
CA GLY A 358 -16.71 -15.00 -11.83
C GLY A 358 -16.10 -13.85 -11.03
N ILE A 359 -15.19 -13.12 -11.66
CA ILE A 359 -14.54 -12.00 -11.01
C ILE A 359 -13.76 -11.26 -12.06
N ARG A 360 -13.68 -11.83 -13.26
CA ARG A 360 -12.97 -11.13 -14.30
C ARG A 360 -13.81 -9.90 -14.60
N SER A 361 -15.05 -9.94 -14.14
CA SER A 361 -15.98 -8.85 -14.33
C SER A 361 -16.15 -8.09 -13.03
N TRP A 362 -16.20 -8.81 -11.92
CA TRP A 362 -16.36 -8.19 -10.61
C TRP A 362 -15.18 -7.29 -10.28
N THR A 363 -14.02 -7.60 -10.86
CA THR A 363 -12.80 -6.84 -10.63
C THR A 363 -11.81 -6.87 -11.82
N LEU A 364 -10.59 -6.35 -11.63
CA LEU A 364 -9.56 -6.31 -12.69
C LEU A 364 -8.13 -6.53 -12.21
N LEU A 365 -7.36 -7.26 -13.02
CA LEU A 365 -5.97 -7.58 -12.72
C LEU A 365 -5.04 -6.47 -13.14
N THR A 366 -4.38 -5.85 -12.17
CA THR A 366 -3.44 -4.77 -12.43
C THR A 366 -2.05 -5.16 -11.98
N THR A 367 -1.10 -4.23 -12.00
CA THR A 367 0.26 -4.54 -11.59
C THR A 367 0.53 -4.19 -10.14
N SER A 368 1.59 -4.79 -9.61
CA SER A 368 1.99 -4.58 -8.23
C SER A 368 2.56 -3.20 -7.96
N ASP A 369 1.81 -2.39 -7.21
CA ASP A 369 2.27 -1.04 -6.89
C ASP A 369 2.71 -0.97 -5.44
N VAL A 370 4.00 -0.80 -5.24
CA VAL A 370 4.54 -0.73 -3.88
C VAL A 370 4.08 0.60 -3.32
N THR A 371 4.03 1.62 -4.16
CA THR A 371 3.62 2.93 -3.71
C THR A 371 2.25 2.70 -3.13
N CYS A 372 1.58 1.73 -3.74
CA CYS A 372 0.22 1.35 -3.44
C CYS A 372 -0.53 2.62 -3.16
N GLY A 373 -1.07 3.17 -4.23
CA GLY A 373 -1.82 4.40 -4.18
C GLY A 373 -0.96 5.62 -4.39
N ALA A 374 -0.55 5.89 -5.64
CA ALA A 374 0.25 7.08 -5.91
C ALA A 374 -0.79 8.14 -5.73
N GLU A 375 -0.69 8.86 -4.62
CA GLU A 375 -1.67 9.88 -4.28
C GLU A 375 -1.21 11.28 -4.66
N GLN A 376 -2.15 12.21 -4.75
CA GLN A 376 -1.79 13.57 -5.06
C GLN A 376 -1.86 14.30 -3.75
N VAL A 377 -1.35 15.50 -3.76
CA VAL A 377 -1.36 16.30 -2.58
C VAL A 377 -1.50 17.75 -3.03
N TYR A 378 -2.38 18.48 -2.37
CA TYR A 378 -2.62 19.86 -2.74
C TYR A 378 -1.76 20.84 -1.96
N TRP A 379 -1.07 21.69 -2.70
CA TRP A 379 -0.22 22.68 -2.07
C TRP A 379 -1.06 23.91 -1.89
N SER A 380 -1.05 24.48 -0.71
CA SER A 380 -1.84 25.66 -0.54
C SER A 380 -1.35 26.63 0.52
N LEU A 381 -0.68 27.69 0.09
CA LEU A 381 -0.23 28.75 1.01
C LEU A 381 -1.40 29.63 0.74
N PRO A 382 -1.80 30.45 1.71
CA PRO A 382 -2.99 31.14 1.23
C PRO A 382 -3.07 32.57 1.64
N ASP A 383 -2.06 33.05 2.34
CA ASP A 383 -2.07 34.44 2.78
C ASP A 383 -1.34 35.22 1.71
N MET A 384 -1.14 34.55 0.57
CA MET A 384 -0.45 35.14 -0.55
C MET A 384 -1.28 35.22 -1.80
N MET A 385 -1.72 34.06 -2.28
CA MET A 385 -2.52 33.96 -3.49
C MET A 385 -3.96 34.39 -3.28
N GLN A 386 -4.49 35.12 -4.25
CA GLN A 386 -5.85 35.63 -4.17
C GLN A 386 -6.88 34.50 -4.12
N ASP A 387 -6.36 33.29 -3.95
CA ASP A 387 -7.21 32.12 -3.87
C ASP A 387 -7.78 31.89 -5.22
N PRO A 388 -7.59 30.70 -5.75
CA PRO A 388 -8.16 30.46 -7.06
C PRO A 388 -9.67 30.55 -7.02
N VAL A 389 -10.22 30.46 -8.20
CA VAL A 389 -11.63 30.52 -8.46
C VAL A 389 -12.37 29.57 -7.53
N THR A 390 -13.63 29.86 -7.27
CA THR A 390 -14.50 29.02 -6.43
C THR A 390 -14.17 28.67 -4.98
N PHE A 391 -12.93 28.79 -4.54
CA PHE A 391 -12.64 28.46 -3.14
C PHE A 391 -13.11 29.62 -2.31
N ARG A 392 -13.68 29.34 -1.14
CA ARG A 392 -14.12 30.43 -0.28
C ARG A 392 -12.97 30.73 0.62
N SER A 393 -12.80 31.99 1.00
CA SER A 393 -11.70 32.35 1.87
C SER A 393 -12.03 31.79 3.24
N THR A 394 -11.02 31.27 3.93
CA THR A 394 -11.22 30.68 5.25
C THR A 394 -9.87 30.57 5.93
N ARG A 395 -9.86 30.12 7.18
CA ARG A 395 -8.63 29.93 7.88
C ARG A 395 -8.80 28.64 8.68
N GLN A 396 -9.51 27.70 8.06
CA GLN A 396 -9.73 26.37 8.62
C GLN A 396 -8.68 25.52 7.92
N VAL A 397 -7.56 25.28 8.61
CA VAL A 397 -6.43 24.52 8.05
C VAL A 397 -6.77 23.49 6.99
N ASN A 398 -7.90 22.81 7.17
CA ASN A 398 -8.30 21.81 6.22
C ASN A 398 -8.87 22.34 4.90
N ASN A 399 -9.47 23.53 4.80
CA ASN A 399 -9.97 23.96 3.47
C ASN A 399 -8.85 24.69 2.68
N TYR A 400 -8.31 25.71 3.29
CA TYR A 400 -7.17 26.42 2.72
C TYR A 400 -6.88 26.67 1.24
N PRO A 401 -7.87 27.05 0.45
CA PRO A 401 -7.64 27.32 -0.99
C PRO A 401 -6.32 26.87 -1.59
N VAL A 402 -6.38 25.83 -2.42
CA VAL A 402 -5.20 25.28 -3.07
C VAL A 402 -4.53 26.19 -4.06
N VAL A 403 -3.22 26.30 -3.96
CA VAL A 403 -2.51 27.16 -4.86
C VAL A 403 -2.01 26.32 -6.00
N GLY A 404 -1.89 25.02 -5.73
CA GLY A 404 -1.41 24.13 -6.77
C GLY A 404 -1.28 22.71 -6.26
N ALA A 405 -1.42 21.73 -7.14
CA ALA A 405 -1.30 20.36 -6.70
C ALA A 405 -0.44 19.60 -7.66
N GLU A 406 0.26 18.61 -7.13
CA GLU A 406 1.11 17.71 -7.89
C GLU A 406 1.03 16.50 -7.00
N LEU A 407 1.29 15.32 -7.55
CA LEU A 407 1.20 14.12 -6.75
C LEU A 407 2.40 13.90 -5.88
N MET A 408 2.29 12.93 -4.99
CA MET A 408 3.33 12.59 -4.07
C MET A 408 4.70 12.40 -4.63
N PRO A 409 5.69 12.64 -3.81
CA PRO A 409 7.05 12.46 -4.28
C PRO A 409 7.37 10.99 -4.07
N VAL A 410 6.30 10.21 -3.98
CA VAL A 410 6.39 8.78 -3.76
C VAL A 410 6.17 7.94 -4.98
N PHE A 411 7.25 7.46 -5.55
CA PHE A 411 7.17 6.63 -6.75
C PHE A 411 7.76 5.27 -6.49
N SER A 412 7.85 4.46 -7.54
CA SER A 412 8.39 3.10 -7.39
C SER A 412 9.58 2.72 -8.25
N LYS A 413 10.64 2.20 -7.63
CA LYS A 413 11.79 1.77 -8.39
C LYS A 413 11.74 0.26 -8.37
N SER A 414 12.27 -0.36 -9.40
CA SER A 414 12.25 -1.81 -9.50
C SER A 414 13.63 -2.37 -9.73
N PHE A 415 13.85 -3.59 -9.27
CA PHE A 415 15.14 -4.26 -9.42
C PHE A 415 15.00 -5.71 -9.84
N TYR A 416 16.12 -6.41 -9.91
CA TYR A 416 16.10 -7.82 -10.27
C TYR A 416 16.49 -8.64 -9.06
N ASN A 417 15.49 -9.20 -8.38
CA ASN A 417 15.70 -10.05 -7.20
C ASN A 417 16.41 -11.23 -7.79
N GLU A 418 17.65 -11.44 -7.38
CA GLU A 418 18.45 -12.52 -7.96
C GLU A 418 17.97 -14.00 -8.02
N GLN A 419 17.81 -14.41 -9.27
CA GLN A 419 17.36 -15.72 -9.71
C GLN A 419 16.12 -16.08 -8.95
N ALA A 420 15.32 -15.05 -8.74
CA ALA A 420 14.05 -15.13 -8.04
C ALA A 420 14.07 -16.07 -6.85
N VAL A 421 13.60 -17.29 -7.08
CA VAL A 421 13.51 -18.30 -6.04
C VAL A 421 14.86 -18.73 -5.47
N TYR A 422 15.96 -18.42 -6.15
CA TYR A 422 17.26 -18.79 -5.62
C TYR A 422 17.65 -17.73 -4.61
N SER A 423 16.95 -16.60 -4.64
CA SER A 423 17.21 -15.54 -3.68
C SER A 423 16.44 -15.93 -2.45
N GLN A 424 15.41 -16.73 -2.68
CA GLN A 424 14.54 -17.21 -1.61
C GLN A 424 15.10 -18.38 -0.78
N GLN A 425 15.95 -19.21 -1.38
CA GLN A 425 16.56 -20.34 -0.68
C GLN A 425 17.80 -19.91 0.12
N LEU A 426 18.25 -18.68 -0.10
CA LEU A 426 19.38 -18.10 0.61
C LEU A 426 18.72 -17.03 1.47
N ARG A 427 17.43 -17.24 1.74
CA ARG A 427 16.61 -16.35 2.57
C ARG A 427 15.73 -17.16 3.55
N GLN A 428 15.66 -18.48 3.33
CA GLN A 428 14.90 -19.38 4.21
C GLN A 428 16.00 -19.99 5.05
N ALA A 429 17.24 -19.82 4.58
CA ALA A 429 18.44 -20.32 5.26
C ALA A 429 19.28 -19.23 5.95
N THR A 430 19.19 -17.99 5.46
CA THR A 430 19.93 -16.89 6.07
C THR A 430 19.10 -16.20 7.16
N SER A 431 17.78 -16.34 7.09
CA SER A 431 16.88 -15.73 8.08
C SER A 431 16.99 -16.53 9.38
N LEU A 432 17.55 -17.73 9.25
CA LEU A 432 17.74 -18.69 10.36
C LEU A 432 16.39 -19.28 10.78
N THR A 433 15.31 -18.55 10.49
CA THR A 433 13.97 -19.01 10.82
C THR A 433 13.05 -19.06 9.63
N HIS A 434 12.04 -19.89 9.80
CA HIS A 434 11.04 -20.06 8.79
C HIS A 434 9.87 -19.38 9.47
N VAL A 435 10.14 -18.14 9.83
CA VAL A 435 9.19 -17.24 10.50
C VAL A 435 7.91 -17.12 9.69
N PHE A 436 8.02 -16.61 8.47
CA PHE A 436 6.87 -16.59 7.58
C PHE A 436 7.45 -17.74 6.83
N ASN A 437 6.67 -18.80 6.60
CA ASN A 437 7.10 -20.02 5.94
C ASN A 437 7.07 -21.09 7.01
N ARG A 438 6.10 -20.96 7.91
CA ARG A 438 5.93 -21.88 9.03
C ARG A 438 5.85 -23.29 8.53
N PHE A 439 5.41 -23.43 7.31
CA PHE A 439 5.24 -24.73 6.73
C PHE A 439 5.98 -24.87 5.42
N PRO A 440 7.23 -25.36 5.47
CA PRO A 440 8.07 -25.53 4.28
C PRO A 440 7.83 -26.86 3.58
N GLU A 441 6.57 -27.28 3.51
CA GLU A 441 6.26 -28.52 2.83
C GLU A 441 4.82 -28.54 2.30
N ASN A 442 3.91 -27.85 2.97
CA ASN A 442 2.51 -27.78 2.54
C ASN A 442 2.43 -26.87 1.35
N GLN A 443 2.68 -27.43 0.17
CA GLN A 443 2.69 -26.66 -1.08
C GLN A 443 1.89 -25.37 -1.03
N ILE A 444 0.70 -25.45 -0.43
CA ILE A 444 -0.17 -24.31 -0.33
C ILE A 444 0.35 -23.23 0.62
N LEU A 445 0.70 -23.63 1.82
CA LEU A 445 1.16 -22.69 2.83
C LEU A 445 2.64 -22.22 2.79
N ILE A 446 3.36 -22.47 1.71
CA ILE A 446 4.76 -22.09 1.60
C ILE A 446 5.04 -20.65 1.25
N ARG A 447 5.81 -19.98 2.10
CA ARG A 447 6.19 -18.58 1.87
C ARG A 447 6.23 -18.40 0.36
N PRO A 448 5.23 -17.73 -0.21
CA PRO A 448 5.09 -17.48 -1.64
C PRO A 448 6.41 -17.23 -2.37
N PRO A 449 6.49 -17.66 -3.61
CA PRO A 449 7.74 -17.43 -4.33
C PRO A 449 8.00 -15.94 -4.39
N ALA A 450 9.27 -15.57 -4.41
CA ALA A 450 9.63 -14.17 -4.50
C ALA A 450 9.45 -13.89 -5.97
N PRO A 451 9.03 -12.68 -6.34
CA PRO A 451 8.85 -12.43 -7.78
C PRO A 451 10.18 -12.19 -8.51
N THR A 452 10.18 -12.42 -9.82
CA THR A 452 11.37 -12.22 -10.63
C THR A 452 11.87 -10.80 -10.39
N ILE A 453 10.91 -9.88 -10.29
CA ILE A 453 11.21 -8.47 -10.11
C ILE A 453 10.64 -7.85 -8.82
N THR A 454 11.51 -7.36 -7.94
CA THR A 454 11.04 -6.75 -6.69
C THR A 454 10.81 -5.29 -6.98
N THR A 455 9.92 -4.67 -6.21
CA THR A 455 9.58 -3.28 -6.38
C THR A 455 9.70 -2.57 -5.04
N VAL A 456 10.24 -1.36 -5.02
CA VAL A 456 10.40 -0.65 -3.76
C VAL A 456 9.86 0.76 -3.75
N SER A 457 9.07 1.05 -2.72
CA SER A 457 8.50 2.38 -2.60
C SER A 457 9.65 3.21 -2.16
N GLU A 458 9.96 4.25 -2.90
CA GLU A 458 11.06 5.11 -2.53
C GLU A 458 10.61 6.50 -2.87
N ASN A 459 11.06 7.50 -2.12
CA ASN A 459 10.67 8.86 -2.46
C ASN A 459 11.83 9.71 -2.92
N VAL A 460 11.56 10.43 -4.00
CA VAL A 460 12.46 11.30 -4.67
C VAL A 460 12.01 12.70 -4.30
N PRO A 461 12.76 13.73 -4.66
CA PRO A 461 12.22 15.03 -4.27
C PRO A 461 11.52 15.49 -5.50
N ALA A 462 10.59 16.42 -5.38
CA ALA A 462 9.86 16.88 -6.54
C ALA A 462 9.94 18.39 -6.71
N LEU A 463 10.54 18.82 -7.82
CA LEU A 463 10.65 20.25 -8.14
C LEU A 463 9.55 20.44 -9.13
N THR A 464 8.65 21.36 -8.83
CA THR A 464 7.53 21.60 -9.72
C THR A 464 7.12 23.07 -9.83
N ASP A 465 6.71 23.44 -11.03
CA ASP A 465 6.24 24.78 -11.35
C ASP A 465 4.74 24.59 -11.40
N HIS A 466 4.01 25.36 -10.63
CA HIS A 466 2.56 25.21 -10.61
C HIS A 466 1.83 26.12 -11.57
N GLY A 467 2.52 27.16 -12.02
CA GLY A 467 1.90 28.09 -12.93
C GLY A 467 2.06 29.43 -12.30
N THR A 468 1.28 30.37 -12.78
CA THR A 468 1.34 31.71 -12.26
C THR A 468 -0.03 32.02 -11.68
N LEU A 469 -0.06 32.60 -10.50
CA LEU A 469 -1.33 32.92 -9.86
C LEU A 469 -1.48 34.33 -9.30
N PRO A 470 -2.72 34.82 -9.26
CA PRO A 470 -2.91 36.18 -8.74
C PRO A 470 -2.66 36.19 -7.23
N LEU A 471 -2.06 37.26 -6.74
CA LEU A 471 -1.77 37.41 -5.31
C LEU A 471 -2.31 38.73 -4.78
N ARG A 472 -2.54 38.78 -3.47
CA ARG A 472 -3.07 39.99 -2.87
C ARG A 472 -1.98 41.00 -3.08
N SER A 473 -2.35 42.26 -3.03
CA SER A 473 -1.38 43.30 -3.24
C SER A 473 -0.59 43.62 -1.97
N SER A 474 -0.93 42.93 -0.90
CA SER A 474 -0.26 43.15 0.37
C SER A 474 0.01 41.82 1.07
N ILE A 475 1.28 41.51 1.28
CA ILE A 475 1.62 40.28 1.95
C ILE A 475 2.14 40.52 3.35
N ARG A 476 1.58 39.82 4.31
CA ARG A 476 2.06 39.98 5.66
C ARG A 476 3.41 39.30 5.68
N GLY A 477 4.38 39.93 6.34
CA GLY A 477 5.73 39.39 6.41
C GLY A 477 5.80 37.91 6.75
N VAL A 478 4.76 37.38 7.39
CA VAL A 478 4.75 35.97 7.72
C VAL A 478 3.71 35.23 6.94
N GLN A 479 4.16 34.62 5.87
CA GLN A 479 3.30 33.83 5.02
C GLN A 479 3.26 32.46 5.63
N ARG A 480 2.11 31.82 5.54
CA ARG A 480 1.92 30.50 6.08
C ARG A 480 1.73 29.58 4.91
N VAL A 481 2.49 28.50 4.82
CA VAL A 481 2.29 27.57 3.72
C VAL A 481 1.83 26.24 4.28
N THR A 482 1.03 25.51 3.49
CA THR A 482 0.47 24.23 3.90
C THR A 482 0.29 23.24 2.77
N VAL A 483 0.83 22.06 2.97
CA VAL A 483 0.68 21.02 1.98
C VAL A 483 -0.37 20.09 2.52
N THR A 484 -1.48 20.10 1.80
CA THR A 484 -2.67 19.33 2.10
C THR A 484 -2.69 17.99 1.33
N ASP A 485 -3.17 16.92 1.95
CA ASP A 485 -3.25 15.64 1.24
C ASP A 485 -4.66 15.38 0.78
N ALA A 486 -4.79 14.80 -0.41
CA ALA A 486 -6.08 14.50 -1.05
C ALA A 486 -7.39 14.50 -0.22
N ARG A 487 -7.34 13.91 0.97
CA ARG A 487 -8.50 13.84 1.85
C ARG A 487 -8.31 15.01 2.81
N ARG A 488 -7.64 16.01 2.25
CA ARG A 488 -7.30 17.26 2.90
C ARG A 488 -6.89 17.27 4.36
N ARG A 489 -5.60 17.02 4.57
CA ARG A 489 -5.01 17.06 5.90
C ARG A 489 -3.51 17.17 5.82
N THR A 490 -2.94 17.32 7.01
CA THR A 490 -1.52 17.46 7.19
C THR A 490 -0.84 16.13 6.91
N CYS A 491 0.19 16.11 6.08
CA CYS A 491 0.93 14.87 5.84
C CYS A 491 2.23 15.10 6.56
N PRO A 492 2.53 14.31 7.60
CA PRO A 492 3.78 14.52 8.35
C PRO A 492 5.01 13.83 7.80
N TYR A 493 4.84 13.18 6.65
CA TYR A 493 5.97 12.49 6.05
C TYR A 493 6.70 13.48 5.20
N VAL A 494 6.19 14.71 5.25
CA VAL A 494 6.78 15.83 4.53
C VAL A 494 8.01 16.19 5.29
N TYR A 495 9.07 16.22 4.52
CA TYR A 495 10.45 16.41 4.95
C TYR A 495 11.02 17.86 5.00
N LYS A 496 10.93 18.54 3.86
CA LYS A 496 11.45 19.89 3.68
C LYS A 496 10.73 20.32 2.43
N ALA A 497 10.02 21.43 2.56
CA ALA A 497 9.27 21.93 1.43
C ALA A 497 9.55 23.39 1.23
N LEU A 498 10.29 23.73 0.19
CA LEU A 498 10.62 25.11 -0.07
C LEU A 498 9.97 25.67 -1.29
N GLY A 499 9.05 26.57 -1.06
CA GLY A 499 8.42 27.15 -2.21
C GLY A 499 9.04 28.51 -2.40
N ILE A 500 9.22 28.90 -3.65
CA ILE A 500 9.71 30.23 -3.98
C ILE A 500 8.74 30.72 -5.05
N VAL A 501 8.50 32.01 -5.10
CA VAL A 501 7.57 32.54 -6.06
C VAL A 501 7.97 33.92 -6.52
N ALA A 502 8.10 34.05 -7.82
CA ALA A 502 8.50 35.31 -8.40
C ALA A 502 7.26 36.00 -8.90
N PRO A 503 6.93 37.15 -8.31
CA PRO A 503 5.78 37.95 -8.66
C PRO A 503 6.02 38.47 -10.04
N ARG A 504 4.99 39.02 -10.64
CA ARG A 504 5.08 39.52 -12.00
C ARG A 504 3.83 40.33 -12.28
N VAL A 505 3.90 41.19 -13.29
CA VAL A 505 2.77 42.03 -13.63
C VAL A 505 1.80 41.48 -14.69
N LEU A 506 0.58 41.98 -14.67
CA LEU A 506 -0.46 41.63 -15.63
C LEU A 506 -1.54 42.69 -15.47
N SER A 507 -2.44 42.78 -16.45
CA SER A 507 -3.54 43.74 -16.44
C SER A 507 -3.22 45.22 -16.18
N SER A 508 -4.03 45.81 -15.29
CA SER A 508 -3.95 47.22 -14.88
C SER A 508 -5.36 47.74 -14.60
N ARG A 509 -5.49 48.75 -13.75
CA ARG A 509 -6.78 49.34 -13.39
C ARG A 509 -7.24 50.44 -14.37
N ASN B 12 0.84 -27.01 20.07
CA ASN B 12 1.38 -26.81 18.69
C ASN B 12 2.19 -25.50 18.61
N PRO B 13 3.50 -25.61 18.30
CA PRO B 13 4.36 -24.42 18.20
C PRO B 13 4.35 -23.78 16.79
N VAL B 14 3.81 -24.56 15.85
CA VAL B 14 3.71 -24.20 14.45
C VAL B 14 4.99 -23.59 13.89
N TYR B 15 5.97 -24.47 13.72
CA TYR B 15 7.31 -24.23 13.19
C TYR B 15 7.99 -25.59 13.29
N PRO B 16 8.14 -26.27 12.15
CA PRO B 16 8.79 -27.59 12.15
C PRO B 16 10.29 -27.40 12.41
N TYR B 17 10.73 -27.82 13.58
CA TYR B 17 12.13 -27.68 13.97
C TYR B 17 13.10 -28.57 13.18
N ASP B 18 14.29 -28.00 12.93
CA ASP B 18 15.38 -28.64 12.19
C ASP B 18 15.22 -28.59 10.66
N THR B 19 14.34 -27.72 10.17
CA THR B 19 14.10 -27.60 8.72
C THR B 19 15.03 -26.61 7.99
N GLU B 20 15.95 -25.98 8.73
CA GLU B 20 16.89 -25.03 8.12
C GLU B 20 18.11 -25.75 7.54
N CYS B 21 18.34 -25.54 6.24
CA CYS B 21 19.47 -26.15 5.52
C CYS B 21 20.83 -25.66 6.01
CA CA C . 22.95 -7.44 -9.71
#